data_6BTX
#
_entry.id   6BTX
#
_cell.length_a   57.072
_cell.length_b   54.109
_cell.length_c   72.442
_cell.angle_alpha   90.000
_cell.angle_beta   103.600
_cell.angle_gamma   90.000
#
_symmetry.space_group_name_H-M   'P 1 21 1'
#
loop_
_entity.id
_entity.type
_entity.pdbx_description
1 polymer 'Solute carrier family 39 (Iron-regulated transporter)'
2 non-polymer 'CALCIUM ION'
3 non-polymer '(2R)-2,3-dihydroxypropyl (9Z)-octadec-9-enoate'
4 non-polymer '{[-(BIS-CARBOXYMETHYL-AMINO)-ETHYL]-CARBOXYMETHYL-AMINO}-ACETIC ACID'
5 non-polymer 'NICKEL (II) ION'
6 water water
#
_entity_poly.entity_id   1
_entity_poly.type   'polypeptide(L)'
_entity_poly.pdbx_seq_one_letter_code
;MKVQSLLRIETQLLLGRLLTRSGDQAWDFVVPFALLVIFPGKLQVAAFYYLIVKIGTFLLTPSSGKWIDTHPRIQVVKWG
VWLQFFAILAGMVFFGMLDGLVRAGGRESWLLSVLFIALALSGVMASLGSQITDISVGNDLAPSLVAPEKLTHFNSWLRR
IDLATEVGAPILAGALFAFHPEQLPLAGLFLIGLWNLVSFVPEYFLLRNVIQRSGLKIKVLTEAQSWKDTFHINLRGSFS
DPIFWLILSYALLWLSVLSPHGVLLAAYLKDEMRLPETEIGLFRGLGAVFGLISTVSFPYLVRRLGLISSSRWHLGFQGV
TLGIAVTAFAMGSTASVYVFLGCILLSRVGLYGFSNGEFELRQRLIPEGRRGELNSLSSLTTTSATLILFSAGSLLPQTE
DFKYLVYVSLAAVLLANVVFIKWSSRQGVVTSGSENLYFQ
;
_entity_poly.pdbx_strand_id   A
#
# COMPACT_ATOMS: atom_id res chain seq x y z
N GLN A 4 -13.98 -25.75 14.65
CA GLN A 4 -12.85 -25.13 13.97
C GLN A 4 -12.77 -25.59 12.51
N SER A 5 -13.92 -25.61 11.85
CA SER A 5 -14.02 -26.08 10.47
C SER A 5 -14.75 -25.05 9.63
N LEU A 6 -14.19 -24.73 8.47
CA LEU A 6 -14.83 -23.80 7.55
C LEU A 6 -16.13 -24.39 7.02
N LEU A 7 -17.19 -23.59 7.01
CA LEU A 7 -18.48 -24.04 6.52
C LEU A 7 -18.51 -23.98 4.99
N ARG A 8 -19.59 -24.51 4.41
CA ARG A 8 -19.76 -24.47 2.96
C ARG A 8 -19.79 -23.03 2.45
N ILE A 9 -20.66 -22.20 3.03
CA ILE A 9 -20.74 -20.81 2.61
C ILE A 9 -19.52 -20.03 3.10
N GLU A 10 -19.02 -20.37 4.29
CA GLU A 10 -17.85 -19.67 4.83
C GLU A 10 -16.61 -19.94 4.00
N THR A 11 -16.56 -21.08 3.31
CA THR A 11 -15.42 -21.35 2.43
C THR A 11 -15.51 -20.52 1.16
N GLN A 12 -16.71 -20.39 0.60
CA GLN A 12 -16.88 -19.54 -0.59
C GLN A 12 -16.56 -18.08 -0.29
N LEU A 13 -16.86 -17.64 0.94
CA LEU A 13 -16.43 -16.30 1.35
C LEU A 13 -14.91 -16.20 1.34
N LEU A 14 -14.23 -17.18 1.94
CA LEU A 14 -12.78 -17.16 1.96
C LEU A 14 -12.20 -17.31 0.56
N LEU A 15 -12.77 -18.20 -0.25
CA LEU A 15 -12.28 -18.39 -1.62
C LEU A 15 -12.52 -17.17 -2.47
N GLY A 16 -13.56 -16.39 -2.17
CA GLY A 16 -13.80 -15.16 -2.92
C GLY A 16 -12.82 -14.07 -2.58
N ARG A 17 -12.54 -13.87 -1.29
CA ARG A 17 -11.57 -12.87 -0.87
C ARG A 17 -10.19 -13.16 -1.45
N LEU A 18 -9.84 -14.44 -1.58
CA LEU A 18 -8.55 -14.82 -2.14
C LEU A 18 -8.45 -14.43 -3.61
N LEU A 19 -9.42 -14.87 -4.42
CA LEU A 19 -9.38 -14.58 -5.85
C LEU A 19 -9.50 -13.09 -6.12
N THR A 20 -10.35 -12.40 -5.35
CA THR A 20 -10.55 -10.96 -5.58
C THR A 20 -9.29 -10.18 -5.28
N ARG A 21 -8.73 -10.36 -4.08
CA ARG A 21 -7.57 -9.56 -3.68
C ARG A 21 -6.33 -9.92 -4.49
N SER A 22 -6.17 -11.18 -4.87
CA SER A 22 -5.02 -11.58 -5.68
C SER A 22 -4.98 -10.79 -6.99
N GLY A 23 -6.12 -10.70 -7.67
CA GLY A 23 -6.17 -9.93 -8.91
C GLY A 23 -6.01 -8.45 -8.68
N ASP A 24 -6.63 -7.92 -7.63
CA ASP A 24 -6.51 -6.50 -7.32
C ASP A 24 -5.07 -6.11 -7.07
N GLN A 25 -4.42 -6.79 -6.11
CA GLN A 25 -3.08 -6.39 -5.69
C GLN A 25 -2.06 -6.57 -6.81
N ALA A 26 -2.14 -7.69 -7.53
CA ALA A 26 -1.19 -7.95 -8.62
C ALA A 26 -1.24 -6.85 -9.66
N TRP A 27 -2.45 -6.36 -9.97
CA TRP A 27 -2.59 -5.30 -10.97
C TRP A 27 -2.08 -3.97 -10.43
N ASP A 28 -2.35 -3.67 -9.15
CA ASP A 28 -1.90 -2.40 -8.60
C ASP A 28 -0.40 -2.36 -8.38
N PHE A 29 0.25 -3.52 -8.26
CA PHE A 29 1.71 -3.54 -8.13
C PHE A 29 2.38 -3.13 -9.43
N VAL A 30 1.87 -3.62 -10.56
CA VAL A 30 2.52 -3.41 -11.85
C VAL A 30 2.13 -2.11 -12.53
N VAL A 31 1.11 -1.41 -12.03
CA VAL A 31 0.66 -0.15 -12.64
C VAL A 31 1.75 0.92 -12.51
N PRO A 32 2.40 1.11 -11.35
CA PRO A 32 3.51 2.08 -11.32
C PRO A 32 4.66 1.68 -12.21
N PHE A 33 4.93 0.38 -12.37
CA PHE A 33 5.96 -0.06 -13.29
C PHE A 33 5.58 0.27 -14.73
N ALA A 34 4.30 0.08 -15.09
CA ALA A 34 3.87 0.39 -16.44
C ALA A 34 3.93 1.88 -16.72
N LEU A 35 3.56 2.71 -15.73
CA LEU A 35 3.61 4.15 -15.91
C LEU A 35 5.03 4.68 -16.04
N LEU A 36 6.02 3.92 -15.58
CA LEU A 36 7.41 4.32 -15.78
C LEU A 36 8.01 3.71 -17.03
N VAL A 37 7.49 2.58 -17.50
CA VAL A 37 7.86 2.09 -18.83
C VAL A 37 7.41 3.10 -19.89
N ILE A 38 6.21 3.63 -19.74
CA ILE A 38 5.68 4.59 -20.71
C ILE A 38 6.42 5.92 -20.61
N PHE A 39 6.62 6.41 -19.38
CA PHE A 39 7.28 7.69 -19.12
C PHE A 39 8.55 7.44 -18.31
N PRO A 40 9.61 6.92 -18.94
CA PRO A 40 10.87 6.71 -18.20
C PRO A 40 11.50 8.05 -17.84
N GLY A 41 11.98 8.14 -16.61
CA GLY A 41 12.56 9.37 -16.11
C GLY A 41 11.58 10.33 -15.48
N LYS A 42 10.31 9.92 -15.29
CA LYS A 42 9.26 10.79 -14.72
C LYS A 42 8.46 9.99 -13.69
N LEU A 43 9.05 9.81 -12.51
CA LEU A 43 8.26 9.30 -11.38
C LEU A 43 7.11 10.23 -11.07
N GLN A 44 7.29 11.53 -11.31
CA GLN A 44 6.28 12.56 -11.16
C GLN A 44 4.92 12.16 -11.74
N VAL A 45 4.93 11.52 -12.92
CA VAL A 45 3.67 11.18 -13.58
C VAL A 45 2.97 10.05 -12.85
N ALA A 46 3.73 9.04 -12.41
CA ALA A 46 3.13 7.96 -11.62
C ALA A 46 2.58 8.48 -10.30
N ALA A 47 3.26 9.47 -9.71
CA ALA A 47 2.74 10.09 -8.49
C ALA A 47 1.50 10.92 -8.78
N PHE A 48 1.46 11.58 -9.94
CA PHE A 48 0.27 12.33 -10.30
C PHE A 48 -0.92 11.42 -10.57
N TYR A 49 -0.65 10.24 -11.16
CA TYR A 49 -1.70 9.25 -11.36
C TYR A 49 -2.36 8.89 -10.04
N TYR A 50 -1.55 8.51 -9.05
CA TYR A 50 -2.12 8.07 -7.77
C TYR A 50 -2.73 9.22 -6.99
N LEU A 51 -2.22 10.43 -7.17
CA LEU A 51 -2.84 11.60 -6.56
C LEU A 51 -4.28 11.75 -7.02
N ILE A 52 -4.53 11.56 -8.32
CA ILE A 52 -5.89 11.60 -8.84
C ILE A 52 -6.74 10.50 -8.22
N VAL A 53 -6.21 9.27 -8.20
CA VAL A 53 -6.93 8.15 -7.63
C VAL A 53 -7.24 8.40 -6.16
N LYS A 54 -6.23 8.80 -5.39
CA LYS A 54 -6.41 9.05 -3.97
C LYS A 54 -7.53 10.05 -3.72
N ILE A 55 -7.48 11.19 -4.43
CA ILE A 55 -8.51 12.21 -4.26
C ILE A 55 -9.87 11.68 -4.71
N GLY A 56 -9.96 11.20 -5.96
CA GLY A 56 -11.23 10.76 -6.48
C GLY A 56 -11.86 9.64 -5.68
N THR A 57 -11.04 8.70 -5.21
CA THR A 57 -11.55 7.63 -4.35
C THR A 57 -12.15 8.20 -3.07
N PHE A 58 -11.45 9.14 -2.43
CA PHE A 58 -11.94 9.75 -1.21
C PHE A 58 -13.26 10.48 -1.44
N LEU A 59 -13.37 11.19 -2.56
CA LEU A 59 -14.59 11.92 -2.88
C LEU A 59 -15.78 10.96 -2.99
N LEU A 60 -15.66 9.94 -3.84
CA LEU A 60 -16.81 9.10 -4.17
C LEU A 60 -17.26 8.28 -2.97
N THR A 61 -16.33 7.80 -2.15
CA THR A 61 -16.67 6.94 -1.02
C THR A 61 -17.49 7.69 0.02
N VAL A 76 -25.21 -1.94 -2.64
CA VAL A 76 -24.19 -1.54 -3.60
C VAL A 76 -23.04 -2.55 -3.54
N VAL A 77 -23.21 -3.58 -2.73
CA VAL A 77 -22.16 -4.58 -2.56
C VAL A 77 -21.95 -5.39 -3.83
N LYS A 78 -22.98 -5.51 -4.66
CA LYS A 78 -22.90 -6.36 -5.85
C LYS A 78 -22.09 -5.73 -6.97
N TRP A 79 -21.98 -4.40 -7.00
CA TRP A 79 -21.27 -3.72 -8.08
C TRP A 79 -19.76 -3.93 -8.02
N GLY A 80 -19.24 -4.56 -6.97
CA GLY A 80 -17.81 -4.61 -6.78
C GLY A 80 -17.06 -5.29 -7.92
N VAL A 81 -17.50 -6.50 -8.28
CA VAL A 81 -16.80 -7.24 -9.32
C VAL A 81 -17.03 -6.61 -10.69
N TRP A 82 -18.18 -5.98 -10.91
CA TRP A 82 -18.42 -5.31 -12.17
C TRP A 82 -17.53 -4.09 -12.33
N LEU A 83 -17.30 -3.36 -11.24
CA LEU A 83 -16.44 -2.19 -11.28
C LEU A 83 -15.00 -2.56 -11.59
N GLN A 84 -14.46 -3.57 -10.88
CA GLN A 84 -13.12 -4.03 -11.16
C GLN A 84 -12.99 -4.54 -12.60
N PHE A 85 -13.99 -5.30 -13.07
CA PHE A 85 -13.95 -5.80 -14.44
C PHE A 85 -13.85 -4.67 -15.45
N PHE A 86 -14.80 -3.72 -15.38
CA PHE A 86 -14.77 -2.58 -16.30
C PHE A 86 -13.53 -1.73 -16.08
N ALA A 87 -13.03 -1.65 -14.86
CA ALA A 87 -11.84 -0.84 -14.59
C ALA A 87 -10.60 -1.46 -15.22
N ILE A 88 -10.36 -2.75 -14.98
CA ILE A 88 -9.21 -3.42 -15.59
C ILE A 88 -9.35 -3.44 -17.10
N LEU A 89 -10.57 -3.65 -17.59
CA LEU A 89 -10.81 -3.60 -19.04
C LEU A 89 -10.43 -2.25 -19.62
N ALA A 90 -10.91 -1.17 -19.02
CA ALA A 90 -10.58 0.16 -19.49
C ALA A 90 -9.09 0.46 -19.33
N GLY A 91 -8.49 -0.05 -18.25
CA GLY A 91 -7.07 0.19 -18.04
C GLY A 91 -6.21 -0.41 -19.15
N MET A 92 -6.53 -1.63 -19.58
CA MET A 92 -5.75 -2.28 -20.63
C MET A 92 -5.90 -1.54 -21.96
N VAL A 93 -7.12 -1.14 -22.30
CA VAL A 93 -7.33 -0.41 -23.55
C VAL A 93 -6.64 0.95 -23.50
N PHE A 94 -6.71 1.63 -22.36
CA PHE A 94 -6.11 2.96 -22.26
C PHE A 94 -4.61 2.91 -22.01
N PHE A 95 -4.10 1.83 -21.40
CA PHE A 95 -2.65 1.67 -21.30
C PHE A 95 -2.04 1.38 -22.66
N GLY A 96 -2.72 0.57 -23.47
CA GLY A 96 -2.23 0.30 -24.81
C GLY A 96 -2.21 1.55 -25.68
N MET A 97 -3.30 2.32 -25.64
CA MET A 97 -3.33 3.58 -26.38
C MET A 97 -2.27 4.54 -25.87
N LEU A 98 -2.11 4.62 -24.55
CA LEU A 98 -1.06 5.48 -23.99
C LEU A 98 0.31 5.05 -24.45
N ASP A 99 0.54 3.74 -24.52
CA ASP A 99 1.84 3.24 -24.97
C ASP A 99 2.09 3.61 -26.42
N GLY A 100 1.13 3.30 -27.30
CA GLY A 100 1.35 3.53 -28.72
C GLY A 100 1.47 5.00 -29.08
N LEU A 101 0.73 5.86 -28.39
CA LEU A 101 0.75 7.29 -28.74
C LEU A 101 2.07 7.94 -28.33
N VAL A 102 2.53 7.70 -27.10
CA VAL A 102 3.78 8.29 -26.64
C VAL A 102 4.95 7.77 -27.49
N ARG A 103 4.88 6.51 -27.90
CA ARG A 103 5.95 5.96 -28.73
C ARG A 103 5.98 6.55 -30.12
N ALA A 104 4.93 7.26 -30.54
CA ALA A 104 4.92 7.83 -31.89
C ALA A 104 5.94 8.96 -32.01
N GLY A 105 5.98 9.86 -31.03
CA GLY A 105 6.95 10.94 -31.00
C GLY A 105 6.34 12.31 -30.80
N GLY A 106 5.05 12.47 -31.08
CA GLY A 106 4.33 13.70 -30.83
C GLY A 106 3.86 13.79 -29.39
N ARG A 107 4.52 14.63 -28.61
CA ARG A 107 4.30 14.70 -27.18
C ARG A 107 3.40 15.87 -26.80
N GLU A 108 2.84 15.77 -25.60
CA GLU A 108 1.93 16.77 -25.01
C GLU A 108 0.84 17.17 -25.99
N SER A 109 0.14 16.18 -26.52
CA SER A 109 -1.07 16.44 -27.28
C SER A 109 -2.23 16.71 -26.32
N TRP A 110 -3.33 17.23 -26.88
CA TRP A 110 -4.59 17.19 -26.14
C TRP A 110 -5.07 15.76 -25.97
N LEU A 111 -4.74 14.90 -26.93
CA LEU A 111 -5.12 13.49 -26.86
C LEU A 111 -4.35 12.76 -25.77
N LEU A 112 -3.08 13.13 -25.58
CA LEU A 112 -2.27 12.47 -24.55
C LEU A 112 -2.85 12.70 -23.16
N SER A 113 -3.39 13.91 -22.93
CA SER A 113 -3.97 14.21 -21.63
C SER A 113 -5.30 13.48 -21.42
N VAL A 114 -6.09 13.35 -22.49
CA VAL A 114 -7.40 12.71 -22.36
C VAL A 114 -7.25 11.24 -21.99
N LEU A 115 -6.28 10.55 -22.61
CA LEU A 115 -6.07 9.15 -22.30
C LEU A 115 -5.60 8.95 -20.86
N PHE A 116 -4.69 9.80 -20.40
CA PHE A 116 -4.15 9.65 -19.05
C PHE A 116 -5.23 9.86 -18.00
N ILE A 117 -6.00 10.95 -18.12
CA ILE A 117 -7.06 11.22 -17.16
C ILE A 117 -8.11 10.11 -17.20
N ALA A 118 -8.40 9.59 -18.40
CA ALA A 118 -9.30 8.45 -18.51
C ALA A 118 -8.70 7.22 -17.85
N LEU A 119 -7.37 7.04 -17.98
CA LEU A 119 -6.69 5.95 -17.29
C LEU A 119 -6.73 6.14 -15.78
N ALA A 120 -6.60 7.40 -15.32
CA ALA A 120 -6.68 7.69 -13.89
C ALA A 120 -8.09 7.58 -13.35
N LEU A 121 -9.10 7.83 -14.19
CA LEU A 121 -10.48 7.60 -13.77
C LEU A 121 -10.79 6.12 -13.67
N SER A 122 -10.07 5.28 -14.43
CA SER A 122 -10.19 3.84 -14.26
C SER A 122 -9.51 3.39 -12.97
N GLY A 123 -8.50 4.14 -12.51
CA GLY A 123 -7.88 3.82 -11.23
C GLY A 123 -8.81 4.10 -10.06
N VAL A 124 -9.59 5.17 -10.14
CA VAL A 124 -10.61 5.42 -9.13
C VAL A 124 -11.65 4.31 -9.15
N MET A 125 -12.06 3.89 -10.35
CA MET A 125 -13.03 2.80 -10.47
C MET A 125 -12.44 1.49 -9.96
N ALA A 126 -11.15 1.26 -10.21
CA ALA A 126 -10.52 0.02 -9.74
C ALA A 126 -10.42 -0.03 -8.22
N SER A 127 -10.24 1.12 -7.58
CA SER A 127 -10.13 1.15 -6.12
C SER A 127 -11.48 1.00 -5.44
N LEU A 128 -12.54 1.57 -6.02
CA LEU A 128 -13.87 1.42 -5.45
C LEU A 128 -14.34 -0.02 -5.49
N GLY A 129 -14.01 -0.74 -6.57
CA GLY A 129 -14.36 -2.15 -6.63
C GLY A 129 -13.64 -2.96 -5.56
N SER A 130 -12.38 -2.62 -5.29
CA SER A 130 -11.63 -3.33 -4.25
C SER A 130 -12.25 -3.11 -2.88
N GLN A 131 -12.64 -1.87 -2.57
CA GLN A 131 -13.27 -1.59 -1.29
C GLN A 131 -14.62 -2.28 -1.16
N ILE A 132 -15.45 -2.19 -2.21
CA ILE A 132 -16.80 -2.73 -2.13
C ILE A 132 -16.77 -4.26 -2.05
N THR A 133 -15.88 -4.89 -2.83
CA THR A 133 -15.76 -6.34 -2.76
C THR A 133 -15.18 -6.81 -1.43
N ASP A 134 -14.40 -5.96 -0.74
CA ASP A 134 -13.96 -6.30 0.60
C ASP A 134 -15.08 -6.19 1.61
N ILE A 135 -16.08 -5.33 1.33
CA ILE A 135 -17.25 -5.23 2.21
C ILE A 135 -17.99 -6.56 2.25
N SER A 136 -18.18 -7.17 1.08
CA SER A 136 -18.85 -8.47 1.02
C SER A 136 -18.05 -9.57 1.71
N VAL A 137 -16.82 -9.28 2.13
CA VAL A 137 -16.03 -10.24 2.89
C VAL A 137 -15.62 -9.62 4.22
N SER A 144 -22.24 -11.35 9.48
CA SER A 144 -23.68 -11.43 9.18
C SER A 144 -24.02 -12.79 8.60
N LEU A 145 -23.03 -13.45 8.00
CA LEU A 145 -23.21 -14.78 7.43
C LEU A 145 -22.51 -15.88 8.22
N VAL A 146 -21.48 -15.56 8.98
CA VAL A 146 -20.79 -16.52 9.83
C VAL A 146 -21.44 -16.49 11.20
N ALA A 147 -21.63 -17.68 11.79
CA ALA A 147 -22.22 -17.76 13.11
C ALA A 147 -21.37 -17.00 14.11
N PRO A 148 -21.96 -16.14 14.95
CA PRO A 148 -21.15 -15.30 15.84
C PRO A 148 -20.22 -16.07 16.76
N GLU A 149 -20.39 -17.40 16.89
CA GLU A 149 -19.42 -18.20 17.61
C GLU A 149 -18.27 -18.62 16.70
N LYS A 150 -18.59 -19.02 15.46
CA LYS A 150 -17.60 -19.42 14.48
C LYS A 150 -16.91 -18.25 13.81
N LEU A 151 -17.19 -17.03 14.26
CA LEU A 151 -16.56 -15.85 13.68
C LEU A 151 -15.12 -15.67 14.14
N THR A 152 -14.80 -16.12 15.36
CA THR A 152 -13.43 -15.98 15.85
C THR A 152 -12.48 -16.95 15.13
N HIS A 153 -12.99 -18.09 14.66
CA HIS A 153 -12.19 -18.95 13.80
C HIS A 153 -12.15 -18.42 12.38
N PHE A 154 -13.26 -17.83 11.92
CA PHE A 154 -13.31 -17.25 10.59
C PHE A 154 -12.35 -16.08 10.47
N ASN A 155 -12.56 -15.03 11.28
CA ASN A 155 -11.73 -13.83 11.21
C ASN A 155 -10.25 -14.15 11.36
N SER A 156 -9.90 -15.17 12.14
CA SER A 156 -8.51 -15.57 12.26
C SER A 156 -7.99 -16.21 10.99
N TRP A 157 -8.88 -16.72 10.13
CA TRP A 157 -8.41 -17.34 8.89
C TRP A 157 -8.13 -16.31 7.81
N LEU A 158 -9.02 -15.32 7.66
CA LEU A 158 -8.83 -14.30 6.61
C LEU A 158 -7.43 -13.71 6.66
N ARG A 159 -6.85 -13.58 7.86
CA ARG A 159 -5.49 -13.07 7.97
C ARG A 159 -4.49 -13.96 7.24
N ARG A 160 -4.73 -15.27 7.20
CA ARG A 160 -3.87 -16.16 6.41
C ARG A 160 -4.09 -15.94 4.93
N ILE A 161 -5.33 -15.70 4.52
CA ILE A 161 -5.62 -15.39 3.11
C ILE A 161 -4.98 -14.05 2.74
N ASP A 162 -5.19 -13.02 3.55
CA ASP A 162 -4.61 -11.72 3.27
C ASP A 162 -3.09 -11.78 3.24
N LEU A 163 -2.50 -12.53 4.18
CA LEU A 163 -1.05 -12.70 4.18
C LEU A 163 -0.58 -13.43 2.93
N ALA A 164 -1.39 -14.37 2.42
CA ALA A 164 -1.01 -15.13 1.25
C ALA A 164 -0.96 -14.24 0.00
N THR A 165 -1.88 -13.28 -0.10
CA THR A 165 -1.87 -12.41 -1.27
C THR A 165 -0.76 -11.38 -1.20
N GLU A 166 -0.47 -10.86 -0.01
CA GLU A 166 0.62 -9.89 0.14
C GLU A 166 1.94 -10.50 -0.32
N VAL A 167 2.25 -11.72 0.14
CA VAL A 167 3.50 -12.34 -0.25
C VAL A 167 3.39 -12.90 -1.67
N GLY A 168 2.25 -13.49 -2.01
CA GLY A 168 2.08 -14.16 -3.29
C GLY A 168 1.93 -13.28 -4.51
N ALA A 169 1.03 -12.28 -4.47
CA ALA A 169 0.75 -11.52 -5.68
C ALA A 169 1.92 -10.62 -6.10
N PRO A 170 2.49 -9.78 -5.21
CA PRO A 170 3.69 -9.02 -5.63
C PRO A 170 4.82 -9.90 -6.15
N ILE A 171 5.07 -11.05 -5.52
CA ILE A 171 6.12 -11.94 -5.99
C ILE A 171 5.77 -12.51 -7.36
N LEU A 172 4.54 -13.04 -7.51
CA LEU A 172 4.14 -13.59 -8.79
C LEU A 172 4.02 -12.51 -9.86
N ALA A 173 3.36 -11.39 -9.52
CA ALA A 173 3.15 -10.33 -10.50
C ALA A 173 4.46 -9.68 -10.92
N GLY A 174 5.44 -9.61 -10.02
CA GLY A 174 6.75 -9.09 -10.39
C GLY A 174 7.45 -9.98 -11.40
N ALA A 175 7.25 -11.30 -11.30
CA ALA A 175 7.83 -12.21 -12.28
C ALA A 175 7.12 -12.14 -13.61
N LEU A 176 5.82 -11.86 -13.61
CA LEU A 176 5.09 -11.72 -14.86
C LEU A 176 5.51 -10.46 -15.61
N PHE A 177 5.72 -9.36 -14.88
CA PHE A 177 6.10 -8.10 -15.53
C PHE A 177 7.54 -8.11 -16.01
N ALA A 178 8.45 -8.75 -15.28
CA ALA A 178 9.87 -8.69 -15.58
C ALA A 178 10.30 -9.72 -16.64
N PHE A 179 9.64 -10.87 -16.70
CA PHE A 179 10.00 -11.91 -17.67
C PHE A 179 9.22 -11.76 -18.98
N HIS A 180 9.08 -10.55 -19.48
CA HIS A 180 8.33 -10.28 -20.68
C HIS A 180 9.15 -10.61 -21.92
N PRO A 181 8.50 -10.79 -23.07
CA PRO A 181 9.23 -10.91 -24.33
C PRO A 181 10.08 -9.68 -24.62
N GLU A 182 10.87 -9.77 -25.67
CA GLU A 182 11.89 -8.77 -25.98
C GLU A 182 11.30 -7.37 -26.17
N GLN A 183 10.55 -7.16 -27.26
CA GLN A 183 10.08 -5.85 -27.64
C GLN A 183 8.75 -5.46 -26.98
N LEU A 184 8.36 -6.15 -25.91
CA LEU A 184 7.09 -5.88 -25.23
C LEU A 184 7.34 -5.75 -23.73
N PRO A 185 7.68 -4.55 -23.25
CA PRO A 185 7.84 -4.37 -21.80
C PRO A 185 6.52 -4.53 -21.05
N LEU A 186 5.43 -4.00 -21.58
CA LEU A 186 4.12 -4.10 -20.95
C LEU A 186 3.43 -5.43 -21.21
N ALA A 187 4.14 -6.42 -21.74
CA ALA A 187 3.53 -7.72 -22.00
C ALA A 187 2.96 -8.34 -20.74
N GLY A 188 3.61 -8.12 -19.60
CA GLY A 188 3.12 -8.68 -18.35
C GLY A 188 1.87 -7.98 -17.84
N LEU A 189 1.75 -6.67 -18.08
CA LEU A 189 0.61 -5.91 -17.59
C LEU A 189 -0.70 -6.50 -18.10
N PHE A 190 -0.76 -6.82 -19.40
CA PHE A 190 -1.99 -7.37 -19.96
C PHE A 190 -2.25 -8.79 -19.48
N LEU A 191 -1.18 -9.57 -19.23
CA LEU A 191 -1.36 -10.87 -18.62
C LEU A 191 -1.91 -10.75 -17.21
N ILE A 192 -1.53 -9.69 -16.49
CA ILE A 192 -2.09 -9.46 -15.16
C ILE A 192 -3.55 -9.02 -15.27
N GLY A 193 -3.87 -8.22 -16.28
CA GLY A 193 -5.23 -7.78 -16.48
C GLY A 193 -6.13 -8.86 -17.06
N LEU A 194 -5.57 -9.67 -17.96
CA LEU A 194 -6.32 -10.80 -18.49
C LEU A 194 -6.65 -11.80 -17.38
N TRP A 195 -5.68 -12.01 -16.46
CA TRP A 195 -5.96 -12.73 -15.23
C TRP A 195 -7.16 -12.11 -14.50
N ASN A 196 -7.12 -10.79 -14.30
CA ASN A 196 -8.19 -10.11 -13.57
C ASN A 196 -9.53 -10.24 -14.27
N LEU A 197 -9.54 -10.28 -15.61
CA LEU A 197 -10.79 -10.42 -16.35
C LEU A 197 -11.32 -11.85 -16.33
N VAL A 198 -10.44 -12.83 -16.56
CA VAL A 198 -10.88 -14.22 -16.57
C VAL A 198 -11.31 -14.66 -15.18
N SER A 199 -10.65 -14.16 -14.14
CA SER A 199 -11.03 -14.49 -12.76
C SER A 199 -12.38 -13.91 -12.38
N PHE A 200 -12.89 -12.93 -13.14
CA PHE A 200 -14.18 -12.32 -12.82
C PHE A 200 -15.30 -13.36 -12.84
N VAL A 201 -15.23 -14.32 -13.76
CA VAL A 201 -16.26 -15.36 -13.81
C VAL A 201 -16.25 -16.22 -12.55
N PRO A 202 -15.10 -16.70 -12.06
CA PRO A 202 -15.11 -17.35 -10.72
C PRO A 202 -15.62 -16.46 -9.62
N GLU A 203 -15.10 -15.23 -9.52
CA GLU A 203 -15.43 -14.35 -8.40
C GLU A 203 -16.93 -14.10 -8.31
N TYR A 204 -17.57 -13.82 -9.44
CA TYR A 204 -18.99 -13.48 -9.44
C TYR A 204 -19.83 -14.62 -8.88
N PHE A 205 -19.69 -15.82 -9.48
CA PHE A 205 -20.51 -16.95 -9.04
C PHE A 205 -20.27 -17.29 -7.58
N LEU A 206 -19.05 -17.09 -7.08
CA LEU A 206 -18.80 -17.28 -5.65
C LEU A 206 -19.52 -16.22 -4.83
N LEU A 207 -19.33 -14.95 -5.18
CA LEU A 207 -19.95 -13.88 -4.42
C LEU A 207 -21.46 -13.81 -4.66
N ARG A 208 -21.92 -14.16 -5.86
CA ARG A 208 -23.35 -14.20 -6.12
C ARG A 208 -24.04 -15.18 -5.18
N ASN A 209 -23.50 -16.39 -5.06
CA ASN A 209 -24.11 -17.41 -4.22
C ASN A 209 -24.27 -16.94 -2.78
N VAL A 210 -23.19 -16.43 -2.19
CA VAL A 210 -23.19 -16.07 -0.78
C VAL A 210 -22.93 -14.59 -0.60
N ILE A 211 -23.96 -13.76 -0.84
CA ILE A 211 -23.91 -12.34 -0.50
C ILE A 211 -25.32 -11.83 -0.28
N SER A 238 -9.10 17.90 19.76
CA SER A 238 -8.55 18.67 18.64
C SER A 238 -7.73 19.85 19.13
N PHE A 239 -8.43 20.91 19.56
CA PHE A 239 -7.77 22.12 20.00
C PHE A 239 -6.89 21.85 21.22
N SER A 240 -7.51 21.40 22.32
CA SER A 240 -6.80 21.15 23.58
C SER A 240 -7.11 19.74 24.06
N ASP A 241 -6.42 18.75 23.49
CA ASP A 241 -6.47 17.39 23.99
C ASP A 241 -5.07 16.80 23.92
N PRO A 242 -4.46 16.49 25.07
CA PRO A 242 -3.10 15.90 25.06
C PRO A 242 -2.96 14.65 24.19
N ILE A 243 -4.06 13.94 23.92
CA ILE A 243 -3.99 12.77 23.06
C ILE A 243 -3.91 13.13 21.58
N PHE A 244 -4.11 14.40 21.23
CA PHE A 244 -3.93 14.82 19.84
C PHE A 244 -2.49 14.60 19.39
N TRP A 245 -1.53 14.67 20.31
CA TRP A 245 -0.13 14.47 19.95
C TRP A 245 0.20 13.00 19.74
N LEU A 246 -0.51 12.10 20.44
CA LEU A 246 -0.35 10.67 20.17
C LEU A 246 -0.84 10.34 18.76
N ILE A 247 -1.91 10.99 18.32
CA ILE A 247 -2.40 10.80 16.96
C ILE A 247 -1.40 11.35 15.95
N LEU A 248 -0.90 12.56 16.21
CA LEU A 248 -0.02 13.21 15.25
C LEU A 248 1.29 12.44 15.06
N SER A 249 1.76 11.75 16.10
CA SER A 249 2.98 10.96 15.97
C SER A 249 2.74 9.74 15.06
N TYR A 250 1.59 9.09 15.19
CA TYR A 250 1.22 8.03 14.26
C TYR A 250 1.03 8.59 12.86
N ALA A 251 0.47 9.80 12.74
CA ALA A 251 0.15 10.36 11.44
C ALA A 251 1.41 10.68 10.64
N LEU A 252 2.45 11.17 11.31
CA LEU A 252 3.67 11.57 10.61
C LEU A 252 4.29 10.40 9.84
N LEU A 253 4.13 9.18 10.36
CA LEU A 253 4.73 8.01 9.72
C LEU A 253 4.13 7.73 8.34
N TRP A 254 2.94 8.25 8.07
CA TRP A 254 2.32 8.09 6.76
C TRP A 254 2.92 9.01 5.70
N LEU A 255 3.86 9.88 6.08
CA LEU A 255 4.60 10.68 5.11
C LEU A 255 5.87 10.00 4.64
N SER A 256 6.25 8.88 5.25
CA SER A 256 7.45 8.17 4.86
C SER A 256 7.21 7.37 3.60
N VAL A 257 8.08 7.56 2.60
CA VAL A 257 8.05 6.75 1.38
C VAL A 257 8.80 5.44 1.56
N LEU A 258 9.39 5.20 2.73
CA LEU A 258 10.21 4.02 2.96
C LEU A 258 9.31 2.85 3.38
N SER A 259 8.50 2.40 2.41
CA SER A 259 7.58 1.30 2.60
C SER A 259 7.81 0.23 1.54
N PRO A 260 7.83 -1.05 1.92
CA PRO A 260 7.84 -2.12 0.91
C PRO A 260 6.54 -2.21 0.13
N HIS A 261 5.44 -1.66 0.65
CA HIS A 261 4.18 -1.61 -0.07
C HIS A 261 3.88 -0.22 -0.62
N GLY A 262 4.91 0.61 -0.81
CA GLY A 262 4.74 1.96 -1.30
C GLY A 262 4.99 2.03 -2.80
N VAL A 263 4.04 2.64 -3.51
CA VAL A 263 4.13 2.70 -4.97
C VAL A 263 5.26 3.62 -5.40
N LEU A 264 5.60 4.63 -4.60
CA LEU A 264 6.66 5.57 -4.98
C LEU A 264 8.04 4.92 -4.90
N LEU A 265 8.26 4.09 -3.87
CA LEU A 265 9.50 3.32 -3.82
C LEU A 265 9.60 2.36 -5.00
N ALA A 266 8.48 1.73 -5.36
CA ALA A 266 8.49 0.77 -6.47
C ALA A 266 8.91 1.44 -7.77
N ALA A 267 8.40 2.64 -8.06
CA ALA A 267 8.76 3.34 -9.28
C ALA A 267 10.23 3.74 -9.28
N TYR A 268 10.73 4.22 -8.13
CA TYR A 268 12.15 4.60 -8.05
C TYR A 268 13.05 3.39 -8.16
N LEU A 269 12.69 2.30 -7.49
CA LEU A 269 13.54 1.10 -7.52
C LEU A 269 13.70 0.57 -8.94
N LYS A 270 12.63 0.63 -9.74
CA LYS A 270 12.69 0.13 -11.10
C LYS A 270 13.36 1.12 -12.04
N ASP A 271 13.00 2.40 -11.94
CA ASP A 271 13.47 3.39 -12.90
C ASP A 271 14.94 3.75 -12.65
N GLU A 272 15.23 4.34 -11.49
CA GLU A 272 16.55 4.90 -11.25
C GLU A 272 17.55 3.87 -10.74
N MET A 273 17.13 2.97 -9.85
CA MET A 273 18.04 2.00 -9.27
C MET A 273 18.04 0.67 -10.02
N ARG A 274 17.21 0.53 -11.04
CA ARG A 274 17.27 -0.60 -11.99
C ARG A 274 17.16 -1.94 -11.28
N LEU A 275 16.26 -2.02 -10.31
CA LEU A 275 15.90 -3.30 -9.70
C LEU A 275 14.88 -4.00 -10.58
N PRO A 276 15.04 -5.31 -10.79
CA PRO A 276 14.02 -6.06 -11.53
C PRO A 276 12.72 -6.15 -10.73
N GLU A 277 11.60 -6.15 -11.46
CA GLU A 277 10.30 -6.25 -10.84
C GLU A 277 10.14 -7.53 -10.05
N THR A 278 10.92 -8.57 -10.38
CA THR A 278 10.94 -9.78 -9.58
C THR A 278 11.49 -9.51 -8.18
N GLU A 279 12.60 -8.77 -8.10
CA GLU A 279 13.21 -8.48 -6.82
C GLU A 279 12.51 -7.36 -6.07
N ILE A 280 11.75 -6.52 -6.77
CA ILE A 280 10.92 -5.53 -6.09
C ILE A 280 9.71 -6.20 -5.45
N GLY A 281 9.14 -7.20 -6.13
CA GLY A 281 8.08 -7.98 -5.52
C GLY A 281 8.57 -8.78 -4.33
N LEU A 282 9.76 -9.39 -4.46
CA LEU A 282 10.38 -10.05 -3.32
C LEU A 282 10.62 -9.08 -2.17
N PHE A 283 10.91 -7.83 -2.49
CA PHE A 283 11.02 -6.79 -1.46
C PHE A 283 9.70 -6.58 -0.76
N ARG A 284 8.60 -6.51 -1.53
CA ARG A 284 7.28 -6.25 -0.94
C ARG A 284 6.81 -7.44 -0.10
N GLY A 285 6.88 -8.65 -0.66
CA GLY A 285 6.41 -9.82 0.07
C GLY A 285 7.16 -10.03 1.38
N LEU A 286 8.45 -9.74 1.40
CA LEU A 286 9.23 -9.85 2.64
C LEU A 286 8.85 -8.77 3.63
N GLY A 287 8.45 -7.58 3.14
CA GLY A 287 8.04 -6.52 4.05
C GLY A 287 6.81 -6.87 4.86
N ALA A 288 5.93 -7.71 4.31
CA ALA A 288 4.79 -8.19 5.08
C ALA A 288 5.20 -9.26 6.08
N VAL A 289 6.24 -10.03 5.76
CA VAL A 289 6.71 -11.07 6.67
C VAL A 289 7.36 -10.46 7.91
N PHE A 290 8.00 -9.31 7.78
CA PHE A 290 8.64 -8.69 8.93
C PHE A 290 7.62 -8.04 9.85
N GLY A 291 6.56 -7.45 9.29
CA GLY A 291 5.47 -7.00 10.12
C GLY A 291 4.86 -8.12 10.95
N LEU A 292 4.92 -9.35 10.44
CA LEU A 292 4.47 -10.50 11.20
C LEU A 292 5.32 -10.70 12.45
N ILE A 293 6.63 -10.48 12.32
CA ILE A 293 7.53 -10.58 13.47
C ILE A 293 7.08 -9.64 14.58
N SER A 294 6.51 -8.48 14.22
CA SER A 294 6.05 -7.52 15.20
C SER A 294 4.90 -8.06 16.04
N THR A 295 4.16 -9.05 15.55
CA THR A 295 3.08 -9.63 16.34
C THR A 295 3.59 -10.50 17.48
N VAL A 296 4.85 -10.91 17.43
CA VAL A 296 5.48 -11.63 18.54
C VAL A 296 6.30 -10.67 19.40
N SER A 297 7.01 -9.74 18.76
CA SER A 297 7.90 -8.85 19.51
C SER A 297 7.14 -7.89 20.40
N PHE A 298 5.95 -7.45 19.99
CA PHE A 298 5.25 -6.41 20.72
C PHE A 298 4.58 -6.99 21.97
N PRO A 299 3.75 -8.05 21.86
CA PRO A 299 3.19 -8.64 23.09
C PRO A 299 4.25 -9.10 24.08
N TYR A 300 5.45 -9.42 23.61
CA TYR A 300 6.50 -9.88 24.50
C TYR A 300 7.12 -8.73 25.29
N LEU A 301 7.32 -7.57 24.65
CA LEU A 301 7.80 -6.41 25.38
C LEU A 301 6.70 -5.77 26.21
N VAL A 302 5.43 -5.95 25.81
CA VAL A 302 4.32 -5.46 26.63
C VAL A 302 4.25 -6.23 27.95
N ARG A 303 4.76 -7.47 27.98
CA ARG A 303 4.76 -8.22 29.23
C ARG A 303 5.90 -7.78 30.14
N ARG A 304 7.12 -7.74 29.61
CA ARG A 304 8.30 -7.40 30.41
C ARG A 304 8.50 -5.91 30.59
N LEU A 305 7.81 -5.08 29.81
CA LEU A 305 7.86 -3.63 29.96
C LEU A 305 6.45 -3.08 29.80
N GLY A 306 6.31 -1.79 30.04
CA GLY A 306 5.02 -1.16 29.87
C GLY A 306 4.58 -1.17 28.41
N LEU A 307 3.27 -0.99 28.21
CA LEU A 307 2.76 -0.81 26.87
C LEU A 307 3.36 0.44 26.23
N ILE A 308 3.69 1.45 27.03
CA ILE A 308 4.35 2.63 26.53
C ILE A 308 5.76 2.30 26.06
N SER A 309 6.50 1.53 26.87
CA SER A 309 7.88 1.19 26.52
C SER A 309 7.93 0.26 25.31
N SER A 310 6.92 -0.59 25.12
CA SER A 310 6.89 -1.43 23.92
C SER A 310 6.69 -0.59 22.67
N SER A 311 5.76 0.36 22.72
CA SER A 311 5.55 1.26 21.59
C SER A 311 6.76 2.16 21.39
N ARG A 312 7.32 2.67 22.49
CA ARG A 312 8.48 3.56 22.39
C ARG A 312 9.68 2.84 21.78
N TRP A 313 9.98 1.63 22.27
CA TRP A 313 11.13 0.89 21.77
C TRP A 313 10.90 0.39 20.35
N HIS A 314 9.65 0.16 19.96
CA HIS A 314 9.37 -0.24 18.58
C HIS A 314 9.50 0.96 17.65
N LEU A 315 8.79 2.05 17.94
CA LEU A 315 8.95 3.26 17.12
C LEU A 315 10.38 3.76 17.14
N GLY A 316 11.09 3.56 18.26
CA GLY A 316 12.51 3.87 18.28
C GLY A 316 13.32 2.95 17.37
N PHE A 317 12.93 1.68 17.32
CA PHE A 317 13.60 0.74 16.42
C PHE A 317 13.40 1.13 14.96
N GLN A 318 12.19 1.57 14.61
CA GLN A 318 11.93 1.98 13.23
C GLN A 318 12.82 3.14 12.81
N GLY A 319 12.94 4.15 13.67
CA GLY A 319 13.77 5.29 13.34
C GLY A 319 15.23 4.93 13.18
N VAL A 320 15.73 4.06 14.06
CA VAL A 320 17.13 3.66 14.01
C VAL A 320 17.43 2.93 12.71
N THR A 321 16.62 1.93 12.37
CA THR A 321 16.88 1.12 11.19
C THR A 321 16.65 1.90 9.89
N LEU A 322 15.74 2.88 9.92
CA LEU A 322 15.59 3.75 8.75
C LEU A 322 16.74 4.73 8.64
N GLY A 323 17.33 5.13 9.76
CA GLY A 323 18.52 5.96 9.70
C GLY A 323 19.69 5.25 9.06
N ILE A 324 19.91 3.99 9.45
CA ILE A 324 20.96 3.19 8.84
C ILE A 324 20.70 3.03 7.34
N ALA A 325 19.43 2.86 6.96
CA ALA A 325 19.09 2.67 5.55
C ALA A 325 19.42 3.90 4.72
N VAL A 326 19.16 5.09 5.27
CA VAL A 326 19.37 6.32 4.50
C VAL A 326 20.85 6.59 4.29
N THR A 327 21.69 6.29 5.29
CA THR A 327 23.12 6.49 5.13
C THR A 327 23.67 5.65 3.98
N ALA A 328 23.33 4.36 3.95
CA ALA A 328 23.77 3.50 2.86
C ALA A 328 23.15 3.92 1.54
N PHE A 329 21.96 4.52 1.58
CA PHE A 329 21.32 5.01 0.36
C PHE A 329 22.17 6.10 -0.29
N ALA A 330 22.94 6.84 0.51
CA ALA A 330 23.86 7.84 0.01
C ALA A 330 25.28 7.30 -0.14
N MET A 331 25.46 5.98 -0.11
CA MET A 331 26.76 5.34 -0.20
C MET A 331 26.93 4.66 -1.55
N GLY A 332 28.05 3.97 -1.72
CA GLY A 332 28.34 3.23 -2.93
C GLY A 332 27.26 2.23 -3.28
N SER A 333 26.50 2.51 -4.34
CA SER A 333 25.26 1.80 -4.63
C SER A 333 25.48 0.33 -4.99
N THR A 334 26.73 -0.14 -4.95
CA THR A 334 27.06 -1.51 -5.27
C THR A 334 26.27 -2.50 -4.41
N ALA A 335 26.62 -2.60 -3.13
CA ALA A 335 25.94 -3.48 -2.20
C ALA A 335 25.16 -2.73 -1.13
N SER A 336 25.09 -1.39 -1.23
CA SER A 336 24.35 -0.61 -0.26
C SER A 336 22.85 -0.57 -0.55
N VAL A 337 22.45 -0.83 -1.81
CA VAL A 337 21.03 -1.00 -2.11
C VAL A 337 20.47 -2.20 -1.35
N TYR A 338 21.26 -3.27 -1.23
CA TYR A 338 20.82 -4.43 -0.47
C TYR A 338 20.68 -4.11 1.00
N VAL A 339 21.56 -3.27 1.54
CA VAL A 339 21.41 -2.81 2.91
C VAL A 339 20.25 -1.83 3.01
N PHE A 340 20.12 -0.95 2.04
CA PHE A 340 19.01 0.00 1.99
C PHE A 340 17.67 -0.71 2.11
N LEU A 341 17.46 -1.74 1.30
CA LEU A 341 16.20 -2.47 1.33
C LEU A 341 16.11 -3.40 2.54
N GLY A 342 17.25 -3.96 2.98
CA GLY A 342 17.22 -4.85 4.13
C GLY A 342 16.86 -4.12 5.42
N CYS A 343 17.31 -2.87 5.57
CA CYS A 343 16.98 -2.11 6.76
C CYS A 343 15.54 -1.64 6.74
N ILE A 344 14.97 -1.42 5.55
CA ILE A 344 13.55 -1.07 5.47
C ILE A 344 12.70 -2.24 5.96
N LEU A 345 13.10 -3.47 5.63
CA LEU A 345 12.39 -4.65 6.13
C LEU A 345 12.42 -4.71 7.65
N LEU A 346 13.60 -4.51 8.23
CA LEU A 346 13.72 -4.53 9.69
C LEU A 346 12.84 -3.46 10.33
N SER A 347 12.72 -2.30 9.69
CA SER A 347 11.95 -1.21 10.25
C SER A 347 10.45 -1.52 10.31
N ARG A 348 9.98 -2.50 9.55
CA ARG A 348 8.55 -2.83 9.58
C ARG A 348 8.15 -3.33 10.96
N VAL A 349 9.03 -4.07 11.63
CA VAL A 349 8.74 -4.55 12.98
C VAL A 349 8.50 -3.38 13.93
N GLY A 350 9.28 -2.30 13.76
CA GLY A 350 9.10 -1.15 14.61
C GLY A 350 7.85 -0.36 14.30
N LEU A 351 7.55 -0.19 13.00
CA LEU A 351 6.36 0.55 12.60
C LEU A 351 5.10 -0.18 13.05
N TYR A 352 4.97 -1.46 12.69
CA TYR A 352 3.78 -2.21 13.08
C TYR A 352 3.70 -2.37 14.58
N GLY A 353 4.84 -2.43 15.28
CA GLY A 353 4.80 -2.46 16.73
C GLY A 353 4.22 -1.18 17.31
N PHE A 354 4.58 -0.03 16.74
CA PHE A 354 4.06 1.23 17.25
C PHE A 354 2.59 1.39 16.92
N SER A 355 2.18 0.98 15.71
CA SER A 355 0.78 1.13 15.31
C SER A 355 -0.15 0.32 16.21
N ASN A 356 0.30 -0.87 16.63
CA ASN A 356 -0.47 -1.63 17.61
C ASN A 356 -0.50 -0.95 18.96
N GLY A 357 0.60 -0.28 19.32
CA GLY A 357 0.62 0.45 20.59
C GLY A 357 -0.25 1.69 20.55
N GLU A 358 -0.08 2.50 19.50
CA GLU A 358 -0.92 3.69 19.33
C GLU A 358 -2.40 3.32 19.33
N PHE A 359 -2.75 2.24 18.62
CA PHE A 359 -4.13 1.77 18.62
C PHE A 359 -4.57 1.36 20.02
N GLU A 360 -3.75 0.56 20.70
CA GLU A 360 -4.09 0.12 22.05
C GLU A 360 -4.11 1.29 23.02
N LEU A 361 -3.19 2.25 22.87
CA LEU A 361 -3.20 3.42 23.74
C LEU A 361 -4.46 4.25 23.54
N ARG A 362 -4.90 4.42 22.29
CA ARG A 362 -6.17 5.09 22.04
C ARG A 362 -7.32 4.36 22.70
N GLN A 363 -7.35 3.02 22.58
CA GLN A 363 -8.45 2.24 23.12
C GLN A 363 -8.60 2.42 24.63
N ARG A 364 -7.48 2.60 25.34
CA ARG A 364 -7.50 2.70 26.79
C ARG A 364 -7.55 4.14 27.31
N LEU A 365 -7.37 5.13 26.45
CA LEU A 365 -7.19 6.50 26.93
C LEU A 365 -8.36 7.44 26.62
N ILE A 366 -8.96 7.36 25.44
CA ILE A 366 -10.10 8.24 25.15
C ILE A 366 -11.40 7.56 25.58
N PRO A 367 -12.28 8.28 26.27
CA PRO A 367 -13.59 7.71 26.60
C PRO A 367 -14.45 7.54 25.35
N GLU A 368 -15.47 6.68 25.49
CA GLU A 368 -16.32 6.37 24.34
C GLU A 368 -17.05 7.59 23.81
N GLY A 369 -17.29 8.58 24.66
CA GLY A 369 -17.98 9.79 24.20
C GLY A 369 -17.13 10.61 23.24
N ARG A 370 -15.84 10.74 23.54
CA ARG A 370 -14.90 11.47 22.68
C ARG A 370 -14.13 10.54 21.77
N ARG A 371 -14.76 9.45 21.30
CA ARG A 371 -14.09 8.41 20.55
C ARG A 371 -14.23 8.60 19.05
N GLY A 372 -15.46 8.64 18.54
CA GLY A 372 -15.67 8.79 17.12
C GLY A 372 -15.15 10.11 16.57
N GLU A 373 -15.14 11.15 17.40
CA GLU A 373 -14.62 12.44 16.97
C GLU A 373 -13.11 12.38 16.74
N LEU A 374 -12.38 11.78 17.68
CA LEU A 374 -10.93 11.63 17.51
C LEU A 374 -10.59 10.65 16.40
N ASN A 375 -11.51 9.73 16.06
CA ASN A 375 -11.30 8.89 14.89
C ASN A 375 -11.39 9.70 13.61
N SER A 376 -12.30 10.69 13.57
CA SER A 376 -12.32 11.62 12.44
C SER A 376 -11.02 12.40 12.36
N LEU A 377 -10.44 12.75 13.52
CA LEU A 377 -9.13 13.40 13.53
C LEU A 377 -8.05 12.43 13.05
N SER A 378 -8.05 11.21 13.60
CA SER A 378 -7.06 10.21 13.18
C SER A 378 -7.13 9.97 11.67
N SER A 379 -8.35 9.81 11.15
CA SER A 379 -8.51 9.60 9.71
C SER A 379 -8.13 10.85 8.91
N LEU A 380 -8.37 12.04 9.47
CA LEU A 380 -8.03 13.26 8.77
C LEU A 380 -6.53 13.38 8.57
N THR A 381 -5.77 13.35 9.68
CA THR A 381 -4.32 13.49 9.59
C THR A 381 -3.69 12.43 8.70
N THR A 382 -4.18 11.19 8.78
CA THR A 382 -3.62 10.13 7.94
C THR A 382 -3.93 10.37 6.47
N THR A 383 -5.11 10.91 6.16
CA THR A 383 -5.43 11.26 4.78
C THR A 383 -4.55 12.41 4.31
N SER A 384 -4.43 13.46 5.12
CA SER A 384 -3.64 14.63 4.73
C SER A 384 -2.17 14.26 4.50
N ALA A 385 -1.65 13.31 5.27
CA ALA A 385 -0.25 12.92 5.10
C ALA A 385 0.00 12.35 3.72
N THR A 386 -0.78 11.35 3.32
CA THR A 386 -0.62 10.76 2.00
C THR A 386 -0.98 11.74 0.90
N LEU A 387 -1.95 12.63 1.16
CA LEU A 387 -2.22 13.71 0.21
C LEU A 387 -0.98 14.57 0.00
N ILE A 388 -0.38 15.03 1.09
CA ILE A 388 0.88 15.78 1.01
C ILE A 388 1.97 14.92 0.36
N LEU A 389 2.02 13.65 0.74
CA LEU A 389 3.02 12.74 0.17
C LEU A 389 2.92 12.69 -1.35
N PHE A 390 1.73 12.42 -1.87
CA PHE A 390 1.57 12.27 -3.31
C PHE A 390 1.53 13.60 -4.04
N SER A 391 1.15 14.68 -3.35
CA SER A 391 1.24 16.01 -3.96
C SER A 391 2.69 16.45 -4.09
N ALA A 392 3.48 16.27 -3.03
CA ALA A 392 4.89 16.61 -3.10
C ALA A 392 5.61 15.79 -4.15
N GLY A 393 5.27 14.50 -4.26
CA GLY A 393 5.89 13.65 -5.25
C GLY A 393 5.47 14.00 -6.67
N SER A 394 4.29 14.59 -6.83
CA SER A 394 3.83 15.02 -8.14
C SER A 394 4.67 16.17 -8.69
N LEU A 395 5.32 16.94 -7.82
CA LEU A 395 6.09 18.11 -8.21
C LEU A 395 7.55 17.80 -8.52
N LEU A 396 7.97 16.55 -8.39
CA LEU A 396 9.36 16.20 -8.65
C LEU A 396 9.71 16.52 -10.10
N PRO A 397 10.80 17.27 -10.35
CA PRO A 397 11.17 17.56 -11.73
C PRO A 397 11.68 16.35 -12.49
N GLN A 398 12.09 15.30 -11.80
CA GLN A 398 12.57 14.08 -12.45
C GLN A 398 12.60 12.95 -11.41
N THR A 399 12.75 11.73 -11.91
CA THR A 399 12.80 10.57 -11.02
C THR A 399 13.97 10.66 -10.05
N GLU A 400 15.10 11.21 -10.51
CA GLU A 400 16.33 11.15 -9.73
C GLU A 400 16.21 11.89 -8.40
N ASP A 401 15.41 12.97 -8.35
CA ASP A 401 15.25 13.70 -7.09
C ASP A 401 14.21 13.04 -6.18
N PHE A 402 13.99 11.74 -6.34
CA PHE A 402 13.25 11.00 -5.32
C PHE A 402 14.02 10.94 -4.01
N LYS A 403 15.35 11.09 -4.07
CA LYS A 403 16.17 11.12 -2.87
C LYS A 403 15.67 12.16 -1.87
N TYR A 404 15.17 13.29 -2.38
CA TYR A 404 14.72 14.38 -1.53
C TYR A 404 13.42 14.05 -0.80
N LEU A 405 12.71 13.01 -1.21
CA LEU A 405 11.57 12.49 -0.46
C LEU A 405 11.98 11.45 0.56
N VAL A 406 13.07 10.73 0.30
CA VAL A 406 13.62 9.81 1.30
C VAL A 406 14.06 10.59 2.54
N TYR A 407 14.63 11.76 2.34
CA TYR A 407 15.21 12.51 3.44
C TYR A 407 14.14 13.06 4.38
N VAL A 408 13.08 13.65 3.81
CA VAL A 408 11.96 14.11 4.63
C VAL A 408 11.29 12.94 5.32
N SER A 409 11.31 11.76 4.70
CA SER A 409 10.72 10.58 5.31
C SER A 409 11.42 10.21 6.61
N LEU A 410 12.75 10.09 6.56
CA LEU A 410 13.50 9.82 7.79
C LEU A 410 13.33 10.97 8.79
N ALA A 411 13.24 12.20 8.29
CA ALA A 411 12.96 13.33 9.17
C ALA A 411 11.62 13.14 9.88
N ALA A 412 10.61 12.63 9.16
CA ALA A 412 9.30 12.43 9.76
C ALA A 412 9.32 11.30 10.78
N VAL A 413 10.03 10.21 10.48
CA VAL A 413 10.07 9.08 11.40
C VAL A 413 10.82 9.45 12.67
N LEU A 414 11.96 10.15 12.52
CA LEU A 414 12.67 10.65 13.70
C LEU A 414 11.84 11.68 14.45
N LEU A 415 11.18 12.58 13.72
CA LEU A 415 10.34 13.58 14.39
C LEU A 415 9.18 12.92 15.11
N ALA A 416 8.51 11.95 14.48
CA ALA A 416 7.43 11.24 15.14
C ALA A 416 7.92 10.52 16.38
N ASN A 417 9.17 10.06 16.38
CA ASN A 417 9.75 9.51 17.60
C ASN A 417 9.82 10.57 18.69
N VAL A 418 10.34 11.76 18.35
CA VAL A 418 10.49 12.82 19.33
C VAL A 418 9.14 13.23 19.90
N VAL A 419 8.11 13.28 19.05
CA VAL A 419 6.79 13.70 19.51
C VAL A 419 6.19 12.67 20.47
N PHE A 420 6.40 11.38 20.20
CA PHE A 420 5.82 10.36 21.07
C PHE A 420 6.55 10.27 22.40
N ILE A 421 7.88 10.38 22.39
CA ILE A 421 8.63 10.34 23.64
C ILE A 421 8.23 11.51 24.53
N LYS A 422 8.09 12.70 23.95
CA LYS A 422 7.65 13.86 24.73
C LYS A 422 6.21 13.68 25.21
N TRP A 423 5.36 13.08 24.37
CA TRP A 423 3.98 12.83 24.79
C TRP A 423 3.91 11.83 25.93
N SER A 424 4.60 10.69 25.78
CA SER A 424 4.54 9.62 26.77
C SER A 424 5.01 10.05 28.15
N SER A 425 5.55 11.26 28.30
CA SER A 425 5.88 11.84 29.60
C SER A 425 4.68 12.67 30.04
N ARG A 426 3.74 12.01 30.74
CA ARG A 426 2.56 12.70 31.25
C ARG A 426 2.63 12.86 32.77
#